data_6RAA
#
_entry.id   6RAA
#
_cell.length_a   91.010
_cell.length_b   64.102
_cell.length_c   72.383
_cell.angle_alpha   90.000
_cell.angle_beta   117.640
_cell.angle_gamma   90.000
#
_symmetry.space_group_name_H-M   'C 1 2 1'
#
loop_
_entity.id
_entity.type
_entity.pdbx_description
1 polymer 'Dual specificity protein kinase CLK1'
2 non-polymer 4-[2-methyl-1-(4-methylpiperazin-1-yl)-1-oxidanylidene-propan-2-yl]-~{N}-(6-pyridin-4-ylimidazo[1,2-a]pyridin-2-yl)benzamide
3 non-polymer 1,2-ETHANEDIOL
4 water water
#
_entity_poly.entity_id   1
_entity_poly.type   'polypeptide(L)'
_entity_poly.pdbx_seq_one_letter_code
;SMHLICQSGDVLSARYEIVDTLGEGAFGKVVECIDHKAGGRHVAVKIVKNVDRYCEAARSEIQVLEHLNTTDPNSTFRCV
QMLEWFEHHGHICIVFELLGLSTYDFIKENGFLPFRLDHIRKMAYQICKSVNFLHSNKLTHTDLKPENILFVQSDYTEAY
NPKIKRDERTLINPDIKVVDFGSATYDDEHHSTLVSTRHYRAPEVILALGWSQPCDVWSIGCILIEYYLGFTVFPTHDSK
EHLAMMERILGPLPKHMIQKTRKRKYFHHDRLDWDEHSSAGRYVSRACKPLKEFMLSQDVEHERLFDLIQKMLEYDPAKR
ITLREALKHPFFDLLKKSI
;
_entity_poly.pdbx_strand_id   A
#
# COMPACT_ATOMS: atom_id res chain seq x y z
N MET A 2 24.25 -2.97 9.25
CA MET A 2 22.82 -3.10 9.73
C MET A 2 22.69 -4.41 10.54
N HIS A 3 23.02 -5.54 9.91
CA HIS A 3 23.11 -6.86 10.58
C HIS A 3 23.85 -6.69 11.92
N LEU A 4 24.82 -5.78 11.98
CA LEU A 4 25.76 -5.62 13.13
C LEU A 4 25.15 -4.81 14.28
N ILE A 5 23.90 -4.33 14.18
CA ILE A 5 23.34 -3.39 15.19
C ILE A 5 21.87 -3.71 15.51
N CYS A 6 21.25 -4.60 14.72
CA CYS A 6 20.06 -5.44 15.10
C CYS A 6 20.56 -6.85 15.42
N GLN A 7 20.38 -7.30 16.67
CA GLN A 7 20.18 -8.71 17.10
C GLN A 7 19.35 -8.71 18.39
N SER A 8 18.54 -9.76 18.58
CA SER A 8 17.80 -10.04 19.85
C SER A 8 18.75 -9.81 21.03
N GLY A 9 18.31 -9.04 22.01
CA GLY A 9 19.11 -8.72 23.21
C GLY A 9 19.74 -7.34 23.12
N ASP A 10 20.03 -6.86 21.91
CA ASP A 10 20.67 -5.52 21.72
C ASP A 10 19.77 -4.50 22.41
N VAL A 11 20.39 -3.48 23.02
CA VAL A 11 19.66 -2.35 23.62
C VAL A 11 19.98 -1.08 22.84
N LEU A 12 18.95 -0.40 22.35
CA LEU A 12 19.07 0.90 21.64
C LEU A 12 18.71 2.02 22.60
N SER A 13 19.52 3.08 22.64
CA SER A 13 19.17 4.35 23.32
C SER A 13 19.01 4.09 24.82
N ALA A 14 19.77 3.13 25.32
CA ALA A 14 19.78 2.61 26.69
C ALA A 14 18.36 2.44 27.26
N ARG A 15 17.42 1.86 26.50
CA ARG A 15 16.05 1.55 27.00
C ARG A 15 15.32 0.52 26.13
N TYR A 16 15.57 0.45 24.83
CA TYR A 16 14.79 -0.39 23.88
C TYR A 16 15.52 -1.70 23.63
N GLU A 17 15.07 -2.78 24.26
CA GLU A 17 15.65 -4.12 24.10
C GLU A 17 14.97 -4.83 22.92
N ILE A 18 15.71 -5.14 21.87
CA ILE A 18 15.18 -5.86 20.68
C ILE A 18 14.77 -7.27 21.13
N VAL A 19 13.56 -7.69 20.76
CA VAL A 19 13.09 -9.08 21.04
C VAL A 19 12.80 -9.84 19.74
N ASP A 20 12.74 -9.17 18.59
CA ASP A 20 12.31 -9.83 17.32
C ASP A 20 12.54 -8.87 16.15
N THR A 21 12.63 -9.40 14.92
CA THR A 21 12.53 -8.62 13.67
C THR A 21 11.10 -8.74 13.15
N LEU A 22 10.50 -7.61 12.83
CA LEU A 22 9.08 -7.53 12.42
C LEU A 22 9.02 -7.48 10.90
N GLY A 23 10.00 -6.90 10.25
CA GLY A 23 9.95 -6.70 8.80
C GLY A 23 11.21 -6.07 8.26
N GLU A 24 11.30 -6.04 6.94
CA GLU A 24 12.41 -5.43 6.19
C GLU A 24 11.84 -4.75 4.95
N GLY A 25 12.45 -3.64 4.51
CA GLY A 25 12.23 -3.01 3.20
C GLY A 25 13.52 -2.42 2.64
N ALA A 26 13.39 -1.56 1.63
CA ALA A 26 14.52 -0.84 0.98
C ALA A 26 15.23 0.05 2.02
N PHE A 27 14.47 0.60 2.95
CA PHE A 27 14.91 1.60 3.98
C PHE A 27 15.82 0.95 5.01
N GLY A 28 15.70 -0.36 5.22
CA GLY A 28 16.32 -1.05 6.37
C GLY A 28 15.36 -2.03 7.00
N LYS A 29 15.20 -1.97 8.32
CA LYS A 29 14.55 -3.05 9.11
C LYS A 29 13.65 -2.43 10.15
N VAL A 30 12.71 -3.22 10.64
CA VAL A 30 11.79 -2.87 11.78
C VAL A 30 11.86 -3.99 12.79
N VAL A 31 12.09 -3.67 14.06
CA VAL A 31 12.28 -4.65 15.15
C VAL A 31 11.29 -4.34 16.25
N GLU A 32 10.94 -5.37 17.02
CA GLU A 32 10.16 -5.24 18.26
C GLU A 32 11.12 -5.05 19.42
N CYS A 33 10.81 -4.09 20.28
CA CYS A 33 11.65 -3.72 21.44
C CYS A 33 10.78 -3.66 22.69
N ILE A 34 11.29 -4.16 23.81
CA ILE A 34 10.76 -3.84 25.17
C ILE A 34 11.38 -2.50 25.58
N ASP A 35 10.55 -1.52 25.90
CA ASP A 35 10.96 -0.20 26.38
C ASP A 35 11.03 -0.22 27.90
N HIS A 36 12.24 -0.40 28.43
CA HIS A 36 12.47 -0.57 29.88
C HIS A 36 12.25 0.77 30.60
N LYS A 37 12.04 1.86 29.85
CA LYS A 37 11.76 3.18 30.48
C LYS A 37 10.30 3.59 30.32
N ALA A 38 9.44 2.75 29.72
CA ALA A 38 7.98 2.92 29.76
C ALA A 38 7.30 1.66 30.31
N GLY A 39 7.78 1.14 31.43
CA GLY A 39 7.15 0.03 32.16
C GLY A 39 7.13 -1.26 31.35
N GLY A 40 8.00 -1.43 30.35
CA GLY A 40 8.14 -2.69 29.59
C GLY A 40 7.17 -2.77 28.41
N ARG A 41 6.60 -1.64 27.99
CA ARG A 41 5.76 -1.54 26.76
C ARG A 41 6.56 -2.01 25.56
N HIS A 42 6.01 -2.87 24.73
CA HIS A 42 6.63 -3.30 23.45
C HIS A 42 6.36 -2.21 22.39
N VAL A 43 7.37 -1.85 21.62
CA VAL A 43 7.29 -0.80 20.57
C VAL A 43 7.90 -1.34 19.29
N ALA A 44 7.65 -0.70 18.17
CA ALA A 44 8.29 -0.97 16.88
C ALA A 44 9.32 0.12 16.63
N VAL A 45 10.53 -0.29 16.31
CA VAL A 45 11.65 0.63 15.99
C VAL A 45 12.09 0.34 14.57
N LYS A 46 12.02 1.34 13.72
CA LYS A 46 12.43 1.28 12.30
C LYS A 46 13.86 1.75 12.28
N ILE A 47 14.78 0.88 11.92
CA ILE A 47 16.22 1.22 11.80
C ILE A 47 16.56 1.43 10.32
N VAL A 48 16.94 2.66 10.01
CA VAL A 48 17.13 3.09 8.60
C VAL A 48 18.57 2.86 8.18
N LYS A 49 18.78 2.39 6.94
CA LYS A 49 20.15 2.22 6.35
C LYS A 49 20.89 3.55 6.44
N ASN A 50 22.20 3.49 6.72
CA ASN A 50 23.10 4.66 6.82
C ASN A 50 23.56 5.03 5.39
N VAL A 51 22.60 5.45 4.57
CA VAL A 51 22.73 5.78 3.11
C VAL A 51 21.94 7.07 2.89
N ASP A 52 22.56 8.07 2.25
CA ASP A 52 22.03 9.45 2.11
C ASP A 52 20.52 9.42 1.83
N ARG A 53 20.11 8.77 0.74
CA ARG A 53 18.73 8.90 0.22
C ARG A 53 17.75 8.38 1.29
N TYR A 54 18.15 7.37 2.08
CA TYR A 54 17.29 6.73 3.10
C TYR A 54 17.34 7.57 4.37
N CYS A 55 18.49 8.15 4.67
CA CYS A 55 18.60 9.13 5.79
C CYS A 55 17.66 10.31 5.52
N GLU A 56 17.63 10.83 4.30
CA GLU A 56 16.79 12.00 3.94
C GLU A 56 15.31 11.59 4.00
N ALA A 57 14.95 10.46 3.42
CA ALA A 57 13.57 9.90 3.45
C ALA A 57 13.11 9.76 4.92
N ALA A 58 14.00 9.38 5.83
CA ALA A 58 13.66 9.13 7.27
C ALA A 58 13.46 10.46 8.00
N ARG A 59 14.26 11.47 7.71
CA ARG A 59 14.02 12.84 8.24
C ARG A 59 12.68 13.36 7.66
N SER A 60 12.39 13.07 6.40
CA SER A 60 11.12 13.45 5.76
C SER A 60 10.00 12.77 6.53
N GLU A 61 10.19 11.50 6.90
CA GLU A 61 9.12 10.69 7.52
C GLU A 61 8.84 11.25 8.90
N ILE A 62 9.88 11.53 9.68
CA ILE A 62 9.77 12.10 11.05
C ILE A 62 8.94 13.39 11.00
N GLN A 63 9.19 14.19 9.97
CA GLN A 63 8.55 15.52 9.77
C GLN A 63 7.06 15.32 9.48
N VAL A 64 6.73 14.43 8.57
CA VAL A 64 5.31 14.09 8.25
C VAL A 64 4.65 13.55 9.52
N LEU A 65 5.32 12.69 10.27
CA LEU A 65 4.69 12.04 11.44
C LEU A 65 4.39 13.11 12.51
N GLU A 66 5.34 14.01 12.74
CA GLU A 66 5.15 15.07 13.76
C GLU A 66 3.89 15.86 13.40
N HIS A 67 3.69 16.11 12.10
CA HIS A 67 2.57 16.88 11.56
C HIS A 67 1.26 16.09 11.73
N LEU A 68 1.18 14.86 11.23
CA LEU A 68 -0.06 14.03 11.31
C LEU A 68 -0.41 13.73 12.77
N ASN A 69 0.56 13.37 13.61
CA ASN A 69 0.34 12.98 15.03
C ASN A 69 -0.17 14.20 15.85
N THR A 70 0.34 15.39 15.56
CA THR A 70 -0.07 16.68 16.18
C THR A 70 -1.49 17.04 15.72
N THR A 71 -1.76 16.92 14.40
CA THR A 71 -3.04 17.29 13.76
C THR A 71 -4.13 16.34 14.27
N ASP A 72 -3.78 15.07 14.45
CA ASP A 72 -4.72 14.00 14.79
C ASP A 72 -4.20 13.24 16.00
N PRO A 73 -4.14 13.87 17.19
CA PRO A 73 -3.56 13.25 18.38
C PRO A 73 -4.23 11.94 18.81
N ASN A 74 -5.53 11.74 18.50
CA ASN A 74 -6.29 10.52 18.91
C ASN A 74 -6.06 9.39 17.90
N SER A 75 -5.38 9.68 16.78
CA SER A 75 -5.19 8.75 15.63
C SER A 75 -6.56 8.34 15.09
N THR A 76 -7.47 9.29 15.02
CA THR A 76 -8.82 9.08 14.49
C THR A 76 -8.68 8.66 13.04
N PHE A 77 -7.64 9.13 12.33
CA PHE A 77 -7.46 8.90 10.87
C PHE A 77 -6.40 7.83 10.62
N ARG A 78 -6.02 7.15 11.69
CA ARG A 78 -5.42 5.79 11.64
C ARG A 78 -4.06 5.87 10.96
N CYS A 79 -3.34 7.00 11.09
CA CYS A 79 -1.89 7.03 10.79
C CYS A 79 -1.13 6.57 12.03
N VAL A 80 -0.14 5.69 11.84
CA VAL A 80 0.69 5.18 12.96
C VAL A 80 1.30 6.36 13.71
N GLN A 81 1.31 6.26 15.02
CA GLN A 81 1.89 7.24 15.94
C GLN A 81 3.39 6.94 16.15
N MET A 82 4.21 7.96 15.97
CA MET A 82 5.64 7.99 16.34
C MET A 82 5.77 8.39 17.81
N LEU A 83 6.60 7.68 18.55
CA LEU A 83 6.80 7.92 19.99
C LEU A 83 8.02 8.81 20.16
N GLU A 84 9.06 8.54 19.38
CA GLU A 84 10.24 9.38 19.30
C GLU A 84 11.15 8.82 18.22
N TRP A 85 12.29 9.44 18.03
CA TRP A 85 13.34 8.96 17.13
C TRP A 85 14.69 9.22 17.79
N PHE A 86 15.70 8.45 17.41
CA PHE A 86 17.09 8.62 17.90
C PHE A 86 18.04 8.12 16.80
N GLU A 87 19.32 8.23 17.09
CA GLU A 87 20.45 7.76 16.24
C GLU A 87 21.19 6.64 16.99
N HIS A 88 21.54 5.58 16.28
CA HIS A 88 22.19 4.36 16.84
C HIS A 88 23.31 3.99 15.88
N HIS A 89 24.55 4.18 16.28
CA HIS A 89 25.76 3.89 15.45
C HIS A 89 25.65 4.56 14.06
N GLY A 90 25.04 5.78 14.04
CA GLY A 90 24.83 6.58 12.82
C GLY A 90 23.63 6.13 11.97
N HIS A 91 22.76 5.26 12.47
CA HIS A 91 21.45 4.95 11.83
C HIS A 91 20.32 5.72 12.53
N ILE A 92 19.44 6.35 11.77
CA ILE A 92 18.18 6.93 12.33
C ILE A 92 17.27 5.76 12.69
N CYS A 93 16.76 5.78 13.92
CA CYS A 93 15.79 4.83 14.47
C CYS A 93 14.52 5.60 14.83
N ILE A 94 13.40 5.23 14.23
CA ILE A 94 12.09 5.83 14.54
C ILE A 94 11.29 4.85 15.37
N VAL A 95 10.85 5.27 16.55
CA VAL A 95 10.08 4.43 17.50
C VAL A 95 8.60 4.65 17.23
N PHE A 96 7.83 3.58 17.10
CA PHE A 96 6.37 3.60 16.84
C PHE A 96 5.65 2.79 17.90
N GLU A 97 4.42 3.16 18.19
CA GLU A 97 3.44 2.23 18.79
C GLU A 97 3.52 0.92 18.01
N LEU A 98 3.44 -0.21 18.71
CA LEU A 98 3.49 -1.55 18.10
C LEU A 98 2.11 -1.87 17.56
N LEU A 99 2.00 -2.08 16.24
CA LEU A 99 0.77 -2.61 15.60
C LEU A 99 0.94 -4.13 15.46
N GLY A 100 0.05 -4.78 14.74
CA GLY A 100 0.09 -6.22 14.44
C GLY A 100 0.61 -6.50 13.05
N LEU A 101 0.06 -7.53 12.42
CA LEU A 101 0.55 -8.03 11.12
C LEU A 101 0.23 -6.99 10.06
N SER A 102 1.08 -6.86 9.04
CA SER A 102 0.76 -6.20 7.75
C SER A 102 -0.32 -7.06 7.05
N THR A 103 -1.19 -6.42 6.27
CA THR A 103 -2.20 -7.14 5.46
C THR A 103 -1.47 -8.04 4.46
N TYR A 104 -0.31 -7.61 3.96
CA TYR A 104 0.55 -8.46 3.09
C TYR A 104 0.92 -9.79 3.81
N ASP A 105 1.48 -9.69 5.01
CA ASP A 105 1.97 -10.88 5.75
C ASP A 105 0.80 -11.78 6.11
N PHE A 106 -0.32 -11.20 6.55
CA PHE A 106 -1.51 -11.97 6.94
C PHE A 106 -1.95 -12.79 5.72
N ILE A 107 -2.06 -12.18 4.54
CA ILE A 107 -2.55 -12.88 3.31
C ILE A 107 -1.54 -13.95 2.89
N LYS A 108 -0.26 -13.58 2.80
CA LYS A 108 0.86 -14.46 2.36
C LYS A 108 0.87 -15.70 3.22
N GLU A 109 0.91 -15.53 4.54
CA GLU A 109 1.12 -16.66 5.49
C GLU A 109 -0.14 -17.55 5.54
N ASN A 110 -1.28 -17.06 5.07
CA ASN A 110 -2.51 -17.87 4.88
C ASN A 110 -2.57 -18.53 3.50
N GLY A 111 -1.46 -18.58 2.77
CA GLY A 111 -1.45 -19.19 1.43
C GLY A 111 -2.14 -18.32 0.39
N PHE A 112 -2.13 -17.00 0.56
CA PHE A 112 -2.68 -16.05 -0.45
C PHE A 112 -4.19 -16.28 -0.59
N LEU A 113 -4.84 -16.64 0.51
CA LEU A 113 -6.32 -16.68 0.63
C LEU A 113 -6.81 -15.26 0.83
N PRO A 114 -7.87 -14.88 0.11
CA PRO A 114 -8.39 -13.52 0.21
C PRO A 114 -9.07 -13.25 1.56
N PHE A 115 -9.21 -11.98 1.90
CA PHE A 115 -9.99 -11.50 3.05
C PHE A 115 -11.48 -11.65 2.75
N ARG A 116 -12.27 -11.87 3.80
CA ARG A 116 -13.76 -11.88 3.73
C ARG A 116 -14.22 -10.49 3.22
N LEU A 117 -15.28 -10.45 2.43
CA LEU A 117 -15.82 -9.17 1.91
C LEU A 117 -16.19 -8.22 3.06
N ASP A 118 -16.77 -8.70 4.17
CA ASP A 118 -17.17 -7.80 5.29
C ASP A 118 -15.91 -7.14 5.87
N HIS A 119 -14.81 -7.89 5.96
CA HIS A 119 -13.49 -7.36 6.39
C HIS A 119 -12.98 -6.35 5.37
N ILE A 120 -13.06 -6.64 4.08
CA ILE A 120 -12.52 -5.73 3.01
C ILE A 120 -13.27 -4.38 3.11
N ARG A 121 -14.58 -4.46 3.34
CA ARG A 121 -15.42 -3.26 3.42
C ARG A 121 -14.84 -2.38 4.51
N LYS A 122 -14.65 -2.94 5.70
CA LYS A 122 -14.18 -2.20 6.90
C LYS A 122 -12.75 -1.69 6.66
N MET A 123 -11.92 -2.50 6.03
CA MET A 123 -10.51 -2.11 5.80
C MET A 123 -10.48 -1.03 4.69
N ALA A 124 -11.21 -1.21 3.59
CA ALA A 124 -11.27 -0.22 2.50
C ALA A 124 -11.68 1.15 3.06
N TYR A 125 -12.68 1.15 3.94
CA TYR A 125 -13.22 2.40 4.51
C TYR A 125 -12.12 3.09 5.32
N GLN A 126 -11.47 2.34 6.21
CA GLN A 126 -10.42 2.89 7.11
C GLN A 126 -9.22 3.38 6.27
N ILE A 127 -8.87 2.66 5.22
CA ILE A 127 -7.74 3.06 4.33
C ILE A 127 -8.11 4.36 3.62
N CYS A 128 -9.31 4.45 3.07
CA CYS A 128 -9.74 5.65 2.36
C CYS A 128 -9.77 6.82 3.35
N LYS A 129 -10.26 6.58 4.56
CA LYS A 129 -10.45 7.62 5.60
C LYS A 129 -9.06 8.13 5.98
N SER A 130 -8.11 7.22 6.15
CA SER A 130 -6.73 7.55 6.56
C SER A 130 -6.03 8.33 5.43
N VAL A 131 -6.08 7.84 4.19
CA VAL A 131 -5.32 8.46 3.08
C VAL A 131 -5.98 9.76 2.69
N ASN A 132 -7.28 9.88 2.88
CA ASN A 132 -8.02 11.13 2.58
C ASN A 132 -7.60 12.19 3.62
N PHE A 133 -7.34 11.81 4.85
CA PHE A 133 -6.74 12.72 5.86
C PHE A 133 -5.38 13.19 5.34
N LEU A 134 -4.51 12.32 4.80
CA LEU A 134 -3.28 12.83 4.12
C LEU A 134 -3.69 13.80 3.00
N HIS A 135 -4.60 13.41 2.13
CA HIS A 135 -5.05 14.25 0.97
C HIS A 135 -5.56 15.60 1.48
N SER A 136 -6.31 15.64 2.57
CA SER A 136 -6.80 16.90 3.17
C SER A 136 -5.64 17.78 3.63
N ASN A 137 -4.48 17.19 3.93
CA ASN A 137 -3.35 17.91 4.56
C ASN A 137 -2.22 18.06 3.55
N LYS A 138 -2.57 18.18 2.26
CA LYS A 138 -1.68 18.48 1.12
C LYS A 138 -0.56 17.44 1.01
N LEU A 139 -0.86 16.18 1.30
CA LEU A 139 0.11 15.06 1.17
C LEU A 139 -0.43 14.01 0.19
N THR A 140 0.48 13.39 -0.53
CA THR A 140 0.27 12.10 -1.28
C THR A 140 1.19 11.07 -0.65
N HIS A 141 0.73 9.85 -0.37
CA HIS A 141 1.58 8.84 0.30
C HIS A 141 2.62 8.31 -0.70
N THR A 142 2.16 7.93 -1.90
CA THR A 142 2.91 7.46 -3.10
C THR A 142 3.33 5.99 -2.98
N ASP A 143 3.17 5.34 -1.82
CA ASP A 143 3.73 3.97 -1.66
C ASP A 143 2.74 3.10 -0.91
N LEU A 144 1.47 3.25 -1.27
CA LEU A 144 0.40 2.47 -0.70
C LEU A 144 0.48 1.06 -1.30
N LYS A 145 0.48 0.04 -0.44
CA LYS A 145 0.58 -1.38 -0.83
C LYS A 145 0.23 -2.16 0.43
N PRO A 146 -0.15 -3.43 0.31
CA PRO A 146 -0.59 -4.18 1.47
C PRO A 146 0.45 -4.21 2.60
N GLU A 147 1.73 -4.07 2.29
CA GLU A 147 2.82 -4.10 3.32
C GLU A 147 2.71 -2.88 4.23
N ASN A 148 2.08 -1.79 3.76
CA ASN A 148 2.05 -0.47 4.44
C ASN A 148 0.69 -0.25 5.11
N ILE A 149 -0.15 -1.27 5.11
CA ILE A 149 -1.41 -1.33 5.87
C ILE A 149 -1.24 -2.39 6.94
N LEU A 150 -1.28 -2.03 8.22
CA LEU A 150 -1.09 -2.98 9.35
C LEU A 150 -2.37 -3.05 10.16
N PHE A 151 -2.73 -4.26 10.58
CA PHE A 151 -3.72 -4.46 11.66
C PHE A 151 -3.21 -3.75 12.91
N VAL A 152 -4.11 -3.05 13.60
CA VAL A 152 -3.83 -2.36 14.89
C VAL A 152 -3.47 -3.40 15.95
N GLN A 153 -4.20 -4.49 15.99
CA GLN A 153 -4.20 -5.46 17.12
C GLN A 153 -3.82 -6.83 16.59
N SER A 154 -3.41 -7.72 17.48
CA SER A 154 -3.45 -9.18 17.26
C SER A 154 -4.89 -9.66 17.54
N ASP A 155 -5.89 -8.95 16.99
CA ASP A 155 -7.32 -9.39 16.99
C ASP A 155 -7.49 -10.44 15.89
N TYR A 156 -6.87 -11.62 16.07
CA TYR A 156 -7.03 -12.82 15.19
C TYR A 156 -6.80 -14.07 16.04
N THR A 157 -7.24 -15.24 15.57
CA THR A 157 -6.82 -16.55 16.12
C THR A 157 -5.97 -17.28 15.09
N GLU A 158 -5.29 -18.35 15.52
CA GLU A 158 -4.42 -19.15 14.63
C GLU A 158 -4.26 -20.55 15.23
N ALA A 159 -4.28 -21.57 14.37
CA ALA A 159 -4.06 -22.98 14.75
C ALA A 159 -3.16 -23.63 13.68
N TYR A 160 -2.20 -24.44 14.12
CA TYR A 160 -1.42 -25.30 13.22
C TYR A 160 -2.37 -26.28 12.54
N ASN A 161 -2.40 -26.23 11.22
CA ASN A 161 -3.14 -27.19 10.36
C ASN A 161 -2.12 -28.15 9.75
N PRO A 162 -1.95 -29.37 10.30
CA PRO A 162 -0.98 -30.34 9.76
C PRO A 162 -1.29 -30.86 8.34
N LYS A 163 -2.48 -30.59 7.80
CA LYS A 163 -2.87 -30.99 6.42
C LYS A 163 -2.02 -30.22 5.41
N ILE A 164 -1.85 -28.92 5.65
CA ILE A 164 -1.15 -27.95 4.75
C ILE A 164 0.12 -27.47 5.44
N LYS A 165 0.39 -27.99 6.64
CA LYS A 165 1.68 -27.83 7.35
C LYS A 165 1.99 -26.34 7.54
N ARG A 166 1.03 -25.57 8.05
CA ARG A 166 1.24 -24.17 8.48
C ARG A 166 0.11 -23.77 9.45
N ASP A 167 0.28 -22.61 10.08
CA ASP A 167 -0.76 -21.93 10.88
C ASP A 167 -1.74 -21.28 9.90
N GLU A 168 -3.03 -21.33 10.21
CA GLU A 168 -4.08 -20.49 9.57
C GLU A 168 -4.48 -19.44 10.59
N ARG A 169 -4.56 -18.20 10.14
CA ARG A 169 -4.91 -17.05 10.99
C ARG A 169 -6.32 -16.62 10.58
N THR A 170 -7.24 -16.62 11.54
CA THR A 170 -8.59 -16.09 11.34
C THR A 170 -8.69 -14.69 11.99
N LEU A 171 -9.06 -13.71 11.19
CA LEU A 171 -9.21 -12.30 11.58
C LEU A 171 -10.49 -12.12 12.41
N ILE A 172 -10.38 -11.54 13.61
CA ILE A 172 -11.54 -11.19 14.48
C ILE A 172 -11.98 -9.77 14.14
N ASN A 173 -11.07 -8.82 14.30
CA ASN A 173 -11.31 -7.38 14.05
C ASN A 173 -10.27 -6.92 13.02
N PRO A 174 -10.73 -6.26 11.94
CA PRO A 174 -9.88 -5.94 10.83
C PRO A 174 -9.33 -4.51 10.85
N ASP A 175 -9.37 -3.84 11.99
CA ASP A 175 -8.96 -2.44 12.15
C ASP A 175 -7.50 -2.31 11.74
N ILE A 176 -7.18 -1.27 10.94
CA ILE A 176 -5.85 -1.08 10.32
C ILE A 176 -5.33 0.33 10.63
N LYS A 177 -4.04 0.53 10.35
CA LYS A 177 -3.43 1.87 10.30
C LYS A 177 -2.54 1.88 9.08
N VAL A 178 -2.22 3.07 8.61
CA VAL A 178 -1.32 3.27 7.47
C VAL A 178 0.06 3.57 8.03
N VAL A 179 1.09 3.02 7.41
CA VAL A 179 2.50 3.23 7.84
C VAL A 179 3.33 3.64 6.65
N ASP A 180 4.56 4.03 6.97
CA ASP A 180 5.67 4.36 6.06
C ASP A 180 5.37 5.66 5.32
N PHE A 181 5.84 6.77 5.88
CA PHE A 181 5.68 8.13 5.29
C PHE A 181 7.03 8.61 4.74
N GLY A 182 7.97 7.68 4.47
CA GLY A 182 9.28 8.00 3.89
C GLY A 182 9.20 8.50 2.45
N SER A 183 8.09 8.28 1.75
CA SER A 183 7.88 8.65 0.33
C SER A 183 6.83 9.76 0.22
N ALA A 184 6.11 10.02 1.28
CA ALA A 184 4.98 10.99 1.32
C ALA A 184 5.47 12.38 0.90
N THR A 185 4.78 12.98 -0.08
CA THR A 185 5.22 14.22 -0.74
C THR A 185 4.15 15.29 -0.56
N TYR A 186 4.55 16.46 -0.07
CA TYR A 186 3.68 17.63 0.10
C TYR A 186 3.41 18.22 -1.29
N ASP A 187 2.23 18.80 -1.45
CA ASP A 187 1.79 19.40 -2.73
C ASP A 187 2.89 20.30 -3.32
N ASP A 188 3.55 21.09 -2.46
N ASP A 188 3.54 21.14 -2.53
CA ASP A 188 4.44 22.22 -2.87
CA ASP A 188 4.43 22.20 -3.09
C ASP A 188 5.87 21.71 -3.08
C ASP A 188 5.90 21.76 -2.98
N GLU A 189 6.19 20.48 -2.64
CA GLU A 189 7.56 19.87 -2.74
C GLU A 189 7.82 19.30 -4.14
N HIS A 190 9.10 19.00 -4.44
CA HIS A 190 9.54 18.36 -5.70
C HIS A 190 8.97 16.95 -5.75
N HIS A 191 8.34 16.63 -6.87
CA HIS A 191 7.73 15.30 -7.16
C HIS A 191 8.77 14.43 -7.85
N SER A 192 9.21 13.35 -7.19
CA SER A 192 10.03 12.25 -7.78
C SER A 192 9.37 11.76 -9.09
N THR A 193 10.13 11.30 -10.07
CA THR A 193 9.58 10.80 -11.37
C THR A 193 8.98 9.39 -11.17
N LEU A 194 9.81 8.40 -10.81
CA LEU A 194 9.34 7.07 -10.32
C LEU A 194 8.82 7.24 -8.89
N VAL A 195 7.56 6.85 -8.65
CA VAL A 195 7.03 6.57 -7.28
C VAL A 195 6.20 5.28 -7.31
N SER A 196 5.99 4.68 -6.14
CA SER A 196 5.13 3.48 -5.92
C SER A 196 5.92 2.24 -6.37
N THR A 197 5.63 1.07 -5.79
CA THR A 197 6.25 -0.23 -6.19
C THR A 197 5.43 -0.80 -7.35
N ARG A 198 6.11 -1.39 -8.35
CA ARG A 198 5.64 -1.54 -9.76
C ARG A 198 4.15 -1.87 -9.78
N HIS A 199 3.74 -2.85 -8.97
CA HIS A 199 2.41 -3.48 -9.03
C HIS A 199 1.33 -2.44 -8.69
N TYR A 200 1.64 -1.39 -7.90
CA TYR A 200 0.62 -0.42 -7.40
C TYR A 200 0.84 0.97 -8.01
N ARG A 201 1.65 1.06 -9.07
CA ARG A 201 2.03 2.33 -9.70
C ARG A 201 0.97 2.80 -10.73
N ALA A 202 0.52 4.05 -10.63
CA ALA A 202 -0.58 4.59 -11.48
C ALA A 202 -0.07 4.78 -12.90
N PRO A 203 -0.95 4.75 -13.93
CA PRO A 203 -0.51 4.93 -15.31
C PRO A 203 0.17 6.28 -15.57
N GLU A 204 -0.27 7.37 -14.91
CA GLU A 204 0.32 8.71 -15.06
C GLU A 204 1.78 8.69 -14.53
N VAL A 205 2.04 7.87 -13.51
CA VAL A 205 3.42 7.66 -12.97
C VAL A 205 4.23 6.92 -14.02
N ILE A 206 3.76 5.76 -14.49
CA ILE A 206 4.48 4.98 -15.54
C ILE A 206 4.82 5.91 -16.72
N LEU A 207 3.86 6.73 -17.16
CA LEU A 207 3.97 7.52 -18.43
C LEU A 207 4.61 8.90 -18.15
N ALA A 208 4.99 9.15 -16.89
CA ALA A 208 5.73 10.36 -16.46
C ALA A 208 4.91 11.60 -16.89
N LEU A 209 3.61 11.62 -16.64
CA LEU A 209 2.74 12.74 -17.06
C LEU A 209 2.55 13.72 -15.89
N GLY A 210 3.27 13.54 -14.76
CA GLY A 210 2.97 14.26 -13.50
C GLY A 210 1.99 13.48 -12.66
N TRP A 211 2.08 13.59 -11.33
CA TRP A 211 1.23 12.83 -10.40
C TRP A 211 0.95 13.67 -9.15
N SER A 212 -0.11 13.33 -8.44
CA SER A 212 -0.44 13.87 -7.11
C SER A 212 -1.42 12.93 -6.46
N GLN A 213 -2.35 13.44 -5.68
CA GLN A 213 -3.22 12.60 -4.83
C GLN A 213 -3.80 11.44 -5.64
N PRO A 214 -4.26 11.60 -6.92
CA PRO A 214 -4.93 10.49 -7.62
C PRO A 214 -4.12 9.19 -7.72
N CYS A 215 -2.79 9.27 -7.68
CA CYS A 215 -1.93 8.08 -7.82
C CYS A 215 -2.07 7.21 -6.57
N ASP A 216 -2.40 7.79 -5.41
CA ASP A 216 -2.76 7.04 -4.18
C ASP A 216 -4.04 6.24 -4.41
N VAL A 217 -5.02 6.84 -5.11
CA VAL A 217 -6.36 6.23 -5.34
C VAL A 217 -6.19 4.96 -6.19
N TRP A 218 -5.39 5.08 -7.26
CA TRP A 218 -5.00 3.93 -8.12
C TRP A 218 -4.45 2.81 -7.23
N SER A 219 -3.44 3.13 -6.42
CA SER A 219 -2.75 2.17 -5.52
C SER A 219 -3.78 1.47 -4.62
N ILE A 220 -4.75 2.23 -4.11
CA ILE A 220 -5.76 1.66 -3.19
C ILE A 220 -6.65 0.68 -3.95
N GLY A 221 -7.00 1.03 -5.21
CA GLY A 221 -7.74 0.17 -6.13
C GLY A 221 -7.05 -1.17 -6.26
N CYS A 222 -5.73 -1.16 -6.51
CA CYS A 222 -4.89 -2.37 -6.69
C CYS A 222 -4.90 -3.17 -5.40
N ILE A 223 -4.82 -2.50 -4.25
CA ILE A 223 -4.83 -3.19 -2.93
C ILE A 223 -6.17 -3.93 -2.78
N LEU A 224 -7.28 -3.24 -3.04
CA LEU A 224 -8.62 -3.81 -2.80
C LEU A 224 -8.79 -5.07 -3.65
N ILE A 225 -8.42 -5.01 -4.93
N ILE A 225 -8.36 -5.07 -4.91
CA ILE A 225 -8.34 -6.20 -5.84
CA ILE A 225 -8.49 -6.27 -5.81
C ILE A 225 -7.65 -7.34 -5.10
C ILE A 225 -7.55 -7.39 -5.33
N GLU A 226 -6.43 -7.05 -4.65
CA GLU A 226 -5.54 -8.05 -4.01
C GLU A 226 -6.22 -8.69 -2.80
N TYR A 227 -6.82 -7.86 -1.96
CA TYR A 227 -7.56 -8.29 -0.75
C TYR A 227 -8.66 -9.29 -1.15
N TYR A 228 -9.28 -9.07 -2.33
CA TYR A 228 -10.49 -9.78 -2.81
C TYR A 228 -10.07 -11.13 -3.43
N LEU A 229 -9.01 -11.16 -4.22
CA LEU A 229 -8.52 -12.34 -4.98
C LEU A 229 -7.43 -13.11 -4.23
N GLY A 230 -6.59 -12.38 -3.48
CA GLY A 230 -5.48 -12.95 -2.68
C GLY A 230 -4.14 -12.77 -3.38
N PHE A 231 -4.15 -12.11 -4.54
CA PHE A 231 -2.98 -11.92 -5.42
C PHE A 231 -3.26 -10.70 -6.26
N THR A 232 -2.23 -10.11 -6.87
CA THR A 232 -2.34 -8.93 -7.77
C THR A 232 -2.84 -9.35 -9.16
N VAL A 233 -3.47 -8.40 -9.87
CA VAL A 233 -3.86 -8.55 -11.30
C VAL A 233 -2.73 -8.04 -12.19
N PHE A 234 -1.71 -7.40 -11.59
CA PHE A 234 -0.50 -6.84 -12.28
C PHE A 234 0.73 -7.53 -11.74
N PRO A 235 0.83 -8.87 -11.90
CA PRO A 235 2.00 -9.61 -11.45
C PRO A 235 3.09 -9.47 -12.52
N THR A 236 3.80 -8.33 -12.55
CA THR A 236 4.85 -8.11 -13.57
C THR A 236 5.98 -7.23 -13.05
N HIS A 237 7.12 -7.36 -13.73
CA HIS A 237 8.42 -6.72 -13.38
C HIS A 237 8.93 -5.99 -14.63
N ASP A 238 7.99 -5.48 -15.45
CA ASP A 238 8.26 -4.82 -16.76
C ASP A 238 7.11 -3.85 -17.07
N SER A 239 7.47 -2.60 -17.30
CA SER A 239 6.55 -1.44 -17.45
C SER A 239 5.60 -1.64 -18.64
N LYS A 240 6.11 -2.10 -19.77
CA LYS A 240 5.31 -2.27 -20.99
C LYS A 240 4.31 -3.41 -20.75
N GLU A 241 4.80 -4.54 -20.25
CA GLU A 241 3.92 -5.70 -19.96
C GLU A 241 2.80 -5.23 -19.02
N HIS A 242 3.17 -4.48 -17.97
CA HIS A 242 2.23 -3.87 -16.99
C HIS A 242 1.14 -3.10 -17.75
N LEU A 243 1.54 -2.28 -18.72
CA LEU A 243 0.61 -1.49 -19.57
C LEU A 243 -0.25 -2.44 -20.41
N ALA A 244 0.36 -3.42 -21.07
CA ALA A 244 -0.34 -4.52 -21.77
C ALA A 244 -1.37 -5.16 -20.81
N MET A 245 -1.01 -5.40 -19.56
CA MET A 245 -1.92 -6.02 -18.56
C MET A 245 -3.07 -5.07 -18.27
N MET A 246 -2.77 -3.81 -18.02
CA MET A 246 -3.80 -2.77 -17.88
C MET A 246 -4.75 -2.81 -19.06
N GLU A 247 -4.24 -2.89 -20.29
CA GLU A 247 -5.09 -2.84 -21.50
C GLU A 247 -6.07 -4.03 -21.50
N ARG A 248 -5.61 -5.19 -21.08
CA ARG A 248 -6.42 -6.44 -21.04
C ARG A 248 -7.50 -6.34 -19.95
N ILE A 249 -7.18 -5.71 -18.82
CA ILE A 249 -8.04 -5.73 -17.59
C ILE A 249 -9.02 -4.56 -17.64
N LEU A 250 -8.56 -3.39 -18.09
CA LEU A 250 -9.29 -2.11 -18.00
C LEU A 250 -9.64 -1.56 -19.39
N GLY A 251 -9.18 -2.18 -20.47
CA GLY A 251 -9.40 -1.67 -21.83
C GLY A 251 -8.28 -0.74 -22.28
N PRO A 252 -8.33 -0.22 -23.53
CA PRO A 252 -7.28 0.64 -24.09
C PRO A 252 -7.01 1.91 -23.28
N LEU A 253 -5.73 2.26 -23.18
CA LEU A 253 -5.29 3.54 -22.59
C LEU A 253 -5.94 4.70 -23.34
N PRO A 254 -6.21 5.83 -22.68
CA PRO A 254 -6.71 7.01 -23.39
C PRO A 254 -5.64 7.52 -24.34
N LYS A 255 -5.98 7.60 -25.63
CA LYS A 255 -5.09 8.11 -26.70
C LYS A 255 -4.35 9.35 -26.20
N HIS A 256 -5.03 10.22 -25.46
CA HIS A 256 -4.48 11.54 -25.07
C HIS A 256 -3.29 11.36 -24.13
N MET A 257 -3.29 10.31 -23.32
CA MET A 257 -2.16 9.98 -22.41
C MET A 257 -1.03 9.34 -23.22
N ILE A 258 -1.38 8.50 -24.19
CA ILE A 258 -0.44 7.78 -25.09
C ILE A 258 0.34 8.81 -25.91
N GLN A 259 -0.39 9.80 -26.42
N GLN A 259 -0.38 9.81 -26.42
CA GLN A 259 0.12 10.80 -27.37
CA GLN A 259 0.18 10.79 -27.38
C GLN A 259 0.92 11.83 -26.57
C GLN A 259 0.91 11.88 -26.59
N LYS A 260 0.51 12.13 -25.34
CA LYS A 260 1.17 13.19 -24.51
C LYS A 260 2.51 12.68 -23.93
N THR A 261 2.60 11.38 -23.61
CA THR A 261 3.75 10.84 -22.85
C THR A 261 5.05 11.08 -23.61
N ARG A 262 6.13 11.31 -22.87
CA ARG A 262 7.50 11.37 -23.42
C ARG A 262 8.13 9.96 -23.32
N LYS A 263 7.44 9.02 -22.63
CA LYS A 263 7.82 7.58 -22.56
C LYS A 263 7.35 6.87 -23.83
N ARG A 264 7.81 7.34 -24.99
CA ARG A 264 7.29 6.90 -26.31
C ARG A 264 7.86 5.51 -26.64
N LYS A 265 8.94 5.08 -25.95
CA LYS A 265 9.56 3.76 -26.20
C LYS A 265 8.47 2.69 -26.05
N TYR A 266 7.53 2.88 -25.11
CA TYR A 266 6.44 1.91 -24.81
C TYR A 266 5.45 1.79 -25.99
N PHE A 267 5.49 2.70 -26.98
CA PHE A 267 4.39 2.89 -27.97
C PHE A 267 4.91 2.86 -29.39
N HIS A 268 3.98 2.79 -30.33
CA HIS A 268 4.19 2.90 -31.80
C HIS A 268 2.95 3.57 -32.41
N HIS A 269 3.12 4.73 -33.04
CA HIS A 269 2.02 5.65 -33.37
C HIS A 269 1.14 5.77 -32.11
N ASP A 270 -0.14 5.41 -32.12
CA ASP A 270 -0.98 5.69 -30.92
C ASP A 270 -1.49 4.38 -30.31
N ARG A 271 -0.70 3.32 -30.39
CA ARG A 271 -0.98 2.03 -29.72
C ARG A 271 0.24 1.60 -28.89
N LEU A 272 0.02 0.83 -27.82
CA LEU A 272 1.11 0.10 -27.13
C LEU A 272 1.86 -0.71 -28.18
N ASP A 273 3.19 -0.57 -28.23
CA ASP A 273 4.06 -1.37 -29.11
C ASP A 273 4.14 -2.79 -28.51
N TRP A 274 3.05 -3.54 -28.64
CA TRP A 274 2.82 -4.85 -27.97
C TRP A 274 2.50 -5.90 -29.02
N ASP A 275 3.30 -6.97 -29.08
CA ASP A 275 2.99 -8.18 -29.88
C ASP A 275 2.10 -9.10 -29.02
N GLU A 276 0.77 -9.03 -29.23
CA GLU A 276 -0.26 -9.91 -28.62
C GLU A 276 0.05 -11.37 -28.97
N HIS A 277 0.59 -11.61 -30.17
CA HIS A 277 0.79 -12.95 -30.78
C HIS A 277 2.18 -13.55 -30.47
N SER A 278 3.08 -12.79 -29.82
CA SER A 278 4.27 -13.34 -29.14
C SER A 278 3.80 -14.24 -28.00
N SER A 279 4.68 -15.08 -27.44
CA SER A 279 4.32 -15.96 -26.29
C SER A 279 4.23 -15.14 -24.99
N ALA A 280 4.85 -13.96 -24.93
CA ALA A 280 4.73 -13.03 -23.79
C ALA A 280 3.33 -12.41 -23.84
N GLY A 281 2.90 -11.98 -25.03
CA GLY A 281 1.55 -11.41 -25.28
C GLY A 281 0.46 -12.43 -25.03
N ARG A 282 0.63 -13.67 -25.50
CA ARG A 282 -0.36 -14.75 -25.22
C ARG A 282 -0.38 -15.07 -23.71
N TYR A 283 0.76 -14.93 -23.00
CA TYR A 283 0.84 -15.03 -21.51
C TYR A 283 -0.11 -14.01 -20.88
N VAL A 284 -0.09 -12.75 -21.37
CA VAL A 284 -0.88 -11.61 -20.81
C VAL A 284 -2.37 -11.87 -21.05
N SER A 285 -2.74 -12.16 -22.30
CA SER A 285 -4.13 -12.51 -22.71
C SER A 285 -4.66 -13.65 -21.83
N ARG A 286 -3.85 -14.70 -21.63
CA ARG A 286 -4.17 -15.90 -20.80
C ARG A 286 -4.42 -15.49 -19.35
N ALA A 287 -3.45 -14.84 -18.70
CA ALA A 287 -3.42 -14.50 -17.24
C ALA A 287 -4.35 -13.34 -16.91
N CYS A 288 -4.58 -12.41 -17.84
CA CYS A 288 -5.37 -11.17 -17.60
C CYS A 288 -6.70 -11.24 -18.34
N LYS A 289 -7.76 -10.73 -17.70
CA LYS A 289 -9.13 -10.65 -18.26
C LYS A 289 -9.75 -9.34 -17.83
N PRO A 290 -10.75 -8.85 -18.59
CA PRO A 290 -11.55 -7.70 -18.16
C PRO A 290 -11.82 -7.82 -16.65
N LEU A 291 -11.59 -6.74 -15.91
CA LEU A 291 -11.74 -6.64 -14.43
C LEU A 291 -12.95 -7.43 -13.91
N LYS A 292 -14.14 -7.19 -14.46
CA LYS A 292 -15.40 -7.66 -13.87
C LYS A 292 -15.42 -9.19 -13.87
N GLU A 293 -14.65 -9.82 -14.76
CA GLU A 293 -14.53 -11.29 -14.85
C GLU A 293 -13.75 -11.85 -13.65
N PHE A 294 -13.09 -11.01 -12.85
CA PHE A 294 -12.42 -11.48 -11.61
C PHE A 294 -13.44 -11.68 -10.47
N MET A 295 -14.67 -11.19 -10.65
CA MET A 295 -15.72 -11.27 -9.61
C MET A 295 -15.99 -12.74 -9.28
N LEU A 296 -16.07 -13.07 -7.99
CA LEU A 296 -16.23 -14.46 -7.49
C LEU A 296 -17.72 -14.75 -7.26
N SER A 297 -18.50 -13.69 -7.15
CA SER A 297 -19.97 -13.72 -6.97
C SER A 297 -20.56 -12.54 -7.74
N GLN A 298 -21.77 -12.74 -8.27
CA GLN A 298 -22.57 -11.70 -8.96
C GLN A 298 -23.41 -10.91 -7.93
N ASP A 299 -23.31 -11.30 -6.64
N ASP A 299 -23.29 -11.27 -6.63
CA ASP A 299 -24.08 -10.68 -5.52
CA ASP A 299 -24.05 -10.69 -5.49
C ASP A 299 -23.80 -9.18 -5.50
C ASP A 299 -23.77 -9.18 -5.43
N VAL A 300 -24.81 -8.37 -5.19
CA VAL A 300 -24.76 -6.88 -5.29
C VAL A 300 -23.56 -6.30 -4.52
N GLU A 301 -23.31 -6.81 -3.30
N GLU A 301 -23.24 -6.77 -3.32
CA GLU A 301 -22.18 -6.44 -2.39
CA GLU A 301 -22.17 -6.13 -2.52
C GLU A 301 -20.88 -6.44 -3.18
C GLU A 301 -20.80 -6.44 -3.16
N HIS A 302 -20.69 -7.52 -3.94
CA HIS A 302 -19.56 -7.75 -4.87
C HIS A 302 -19.58 -6.76 -6.03
N GLU A 303 -20.73 -6.53 -6.67
CA GLU A 303 -20.86 -5.49 -7.74
C GLU A 303 -20.49 -4.11 -7.16
N ARG A 304 -20.87 -3.84 -5.91
CA ARG A 304 -20.62 -2.52 -5.29
C ARG A 304 -19.11 -2.33 -5.15
N LEU A 305 -18.41 -3.32 -4.62
CA LEU A 305 -16.93 -3.26 -4.45
C LEU A 305 -16.28 -3.06 -5.82
N PHE A 306 -16.67 -3.86 -6.82
CA PHE A 306 -16.01 -3.84 -8.14
C PHE A 306 -16.22 -2.50 -8.83
N ASP A 307 -17.37 -1.86 -8.59
CA ASP A 307 -17.70 -0.55 -9.20
C ASP A 307 -16.77 0.52 -8.59
N LEU A 308 -16.54 0.43 -7.28
CA LEU A 308 -15.58 1.32 -6.59
C LEU A 308 -14.16 1.07 -7.13
N ILE A 309 -13.77 -0.20 -7.19
CA ILE A 309 -12.45 -0.59 -7.77
C ILE A 309 -12.34 0.00 -9.17
N GLN A 310 -13.36 -0.13 -10.02
CA GLN A 310 -13.26 0.32 -11.42
C GLN A 310 -13.03 1.84 -11.45
N LYS A 311 -13.66 2.60 -10.56
CA LYS A 311 -13.56 4.07 -10.53
C LYS A 311 -12.17 4.50 -10.01
N MET A 312 -11.67 3.74 -9.05
CA MET A 312 -10.32 3.88 -8.48
C MET A 312 -9.29 3.60 -9.56
N LEU A 313 -9.59 2.71 -10.51
CA LEU A 313 -8.63 2.39 -11.61
C LEU A 313 -9.04 3.08 -12.93
N GLU A 314 -9.67 4.25 -12.87
CA GLU A 314 -9.81 5.16 -14.03
C GLU A 314 -8.39 5.52 -14.50
N TYR A 315 -8.09 5.42 -15.80
CA TYR A 315 -6.74 5.72 -16.33
C TYR A 315 -6.41 7.18 -16.07
N ASP A 316 -7.37 8.07 -16.35
CA ASP A 316 -7.17 9.54 -16.34
C ASP A 316 -7.25 10.03 -14.90
N PRO A 317 -6.09 10.43 -14.29
CA PRO A 317 -6.08 10.95 -12.93
C PRO A 317 -7.06 12.12 -12.69
N ALA A 318 -7.40 12.86 -13.74
CA ALA A 318 -8.34 13.99 -13.65
C ALA A 318 -9.78 13.46 -13.50
N LYS A 319 -10.08 12.27 -14.02
CA LYS A 319 -11.43 11.64 -13.95
C LYS A 319 -11.51 10.70 -12.74
N ARG A 320 -10.39 10.17 -12.29
CA ARG A 320 -10.35 9.20 -11.18
C ARG A 320 -11.16 9.74 -10.00
N ILE A 321 -11.99 8.87 -9.42
CA ILE A 321 -12.71 9.19 -8.15
C ILE A 321 -11.70 9.71 -7.12
N THR A 322 -12.07 10.72 -6.33
CA THR A 322 -11.31 11.11 -5.14
C THR A 322 -11.71 10.19 -3.95
N LEU A 323 -10.90 10.17 -2.89
CA LEU A 323 -11.23 9.42 -1.66
C LEU A 323 -12.44 10.07 -0.95
N ARG A 324 -12.59 11.39 -0.97
CA ARG A 324 -13.78 12.07 -0.39
C ARG A 324 -15.06 11.45 -0.99
N GLU A 325 -15.11 11.34 -2.32
N GLU A 325 -15.11 11.27 -2.32
CA GLU A 325 -16.17 10.64 -3.13
CA GLU A 325 -16.25 10.63 -3.04
C GLU A 325 -16.20 9.15 -2.76
C GLU A 325 -16.23 9.10 -2.83
N ALA A 326 -15.06 8.48 -2.75
CA ALA A 326 -14.96 7.05 -2.45
C ALA A 326 -15.64 6.76 -1.10
N LEU A 327 -15.47 7.64 -0.14
CA LEU A 327 -15.99 7.40 1.22
C LEU A 327 -17.53 7.44 1.19
N LYS A 328 -18.11 8.02 0.14
CA LYS A 328 -19.59 8.13 0.02
C LYS A 328 -20.13 6.98 -0.86
N HIS A 329 -19.27 6.11 -1.39
CA HIS A 329 -19.69 5.12 -2.44
C HIS A 329 -20.67 4.11 -1.82
N PRO A 330 -21.67 3.59 -2.57
CA PRO A 330 -22.64 2.65 -2.01
C PRO A 330 -22.04 1.43 -1.29
N PHE A 331 -20.80 1.04 -1.61
CA PHE A 331 -20.16 -0.15 -1.01
C PHE A 331 -20.09 0.04 0.52
N PHE A 332 -19.96 1.29 0.98
CA PHE A 332 -19.77 1.61 2.42
C PHE A 332 -21.11 1.87 3.12
N ASP A 333 -22.24 1.86 2.40
CA ASP A 333 -23.58 2.18 2.98
C ASP A 333 -23.84 1.22 4.16
N LEU A 334 -23.47 -0.04 3.99
CA LEU A 334 -23.64 -1.08 5.02
C LEU A 334 -22.98 -0.64 6.34
N LEU A 335 -21.88 0.12 6.29
CA LEU A 335 -21.19 0.56 7.53
C LEU A 335 -22.01 1.64 8.25
N LYS A 336 -23.00 2.23 7.59
CA LYS A 336 -23.74 3.42 8.12
C LYS A 336 -25.25 3.12 8.21
#